data_4HFR
#
_entry.id   4HFR
#
_cell.length_a   108.193
_cell.length_b   108.193
_cell.length_c   135.290
_cell.angle_alpha   90.00
_cell.angle_beta   90.00
_cell.angle_gamma   120.00
#
_symmetry.space_group_name_H-M   'P 31 2 1'
#
loop_
_entity.id
_entity.type
_entity.pdbx_description
1 polymer 'Corticosteroid 11-beta-dehydrogenase isozyme 1'
2 non-polymer 'NADP NICOTINAMIDE-ADENINE-DINUCLEOTIDE PHOSPHATE'
3 non-polymer '{(3S)-1-[5-(cyclohexylcarbamoyl)-6-(propylsulfanyl)pyridin-2-yl]piperidin-3-yl}acetic acid'
4 water water
#
_entity_poly.entity_id   1
_entity_poly.type   'polypeptide(L)'
_entity_poly.pdbx_seq_one_letter_code
;GGGNEEFRPEMLQGKKVIVTGASKGIGREMAYHLAKMGAHVVVTARSKETLQKVVSHCLELGAASAHYIAGTMEDMTFAE
QFVAQAGKLMGGLDMLILNHITNTSLNLFHDDIHHVRKSMEVNFLSYVVLTVAALPMLKQSNGSIVVVSSLAGKVAYPLV
AAYSASKFALDGFFSSIRKEYSVSRVNVSITLCVLGLIDTETAMKAVSGIVHMQAAPKEECALEIIKGGALRQEEVYYDS
SRWTTLLIRNPSRKILEELYSTSYNWDRFINK
;
_entity_poly.pdbx_strand_id   A,B
#
loop_
_chem_comp.id
_chem_comp.type
_chem_comp.name
_chem_comp.formula
14M non-polymer '{(3S)-1-[5-(cyclohexylcarbamoyl)-6-(propylsulfanyl)pyridin-2-yl]piperidin-3-yl}acetic acid' 'C22 H33 N3 O3 S'
NAP non-polymer 'NADP NICOTINAMIDE-ADENINE-DINUCLEOTIDE PHOSPHATE' 'C21 H28 N7 O17 P3'
#
# COMPACT_ATOMS: atom_id res chain seq x y z
N GLU A 6 2.90 -15.49 28.35
CA GLU A 6 1.50 -15.90 28.33
C GLU A 6 1.17 -16.97 27.27
N PHE A 7 2.10 -17.23 26.32
CA PHE A 7 1.88 -18.23 25.28
C PHE A 7 2.25 -19.64 25.77
N ARG A 8 1.38 -20.61 25.44
CA ARG A 8 1.57 -22.03 25.75
C ARG A 8 1.42 -22.83 24.44
N PRO A 9 2.37 -23.74 24.11
CA PRO A 9 2.26 -24.51 22.85
C PRO A 9 0.96 -25.32 22.68
N GLU A 10 0.26 -25.60 23.81
CA GLU A 10 -1.02 -26.32 23.92
C GLU A 10 -2.15 -25.55 23.21
N MET A 11 -2.04 -24.20 23.17
CA MET A 11 -3.00 -23.28 22.52
C MET A 11 -3.20 -23.63 21.04
N LEU A 12 -2.24 -24.37 20.45
CA LEU A 12 -2.26 -24.77 19.05
C LEU A 12 -2.63 -26.22 18.83
N GLN A 13 -2.62 -27.03 19.90
CA GLN A 13 -2.98 -28.45 19.84
C GLN A 13 -4.42 -28.64 19.33
N GLY A 14 -4.55 -29.41 18.26
CA GLY A 14 -5.83 -29.71 17.61
C GLY A 14 -6.41 -28.60 16.77
N LYS A 15 -5.67 -27.47 16.64
CA LYS A 15 -6.12 -26.31 15.86
C LYS A 15 -6.00 -26.51 14.35
N LYS A 16 -6.95 -25.92 13.58
CA LYS A 16 -7.04 -26.02 12.12
C LYS A 16 -6.35 -24.82 11.50
N VAL A 17 -5.18 -25.04 10.86
CA VAL A 17 -4.38 -23.92 10.34
C VAL A 17 -3.98 -24.04 8.87
N ILE A 18 -4.20 -22.96 8.10
CA ILE A 18 -3.70 -22.81 6.72
C ILE A 18 -2.40 -21.99 6.83
N VAL A 19 -1.36 -22.43 6.11
CA VAL A 19 -0.08 -21.72 6.02
C VAL A 19 0.20 -21.62 4.52
N THR A 20 0.23 -20.40 3.98
CA THR A 20 0.56 -20.17 2.57
C THR A 20 2.06 -19.90 2.49
N GLY A 21 2.66 -20.17 1.33
CA GLY A 21 4.09 -20.00 1.11
C GLY A 21 4.90 -20.91 2.02
N ALA A 22 4.47 -22.17 2.14
CA ALA A 22 5.06 -23.14 3.07
C ALA A 22 5.97 -24.19 2.45
N SER A 23 6.36 -24.00 1.17
CA SER A 23 7.30 -24.94 0.52
C SER A 23 8.72 -24.62 0.95
N LYS A 24 8.98 -23.34 1.33
CA LYS A 24 10.29 -22.90 1.79
C LYS A 24 10.21 -21.74 2.76
N GLY A 25 11.36 -21.22 3.16
CA GLY A 25 11.50 -20.08 4.07
C GLY A 25 10.76 -20.15 5.38
N ILE A 26 10.33 -18.95 5.88
CA ILE A 26 9.59 -18.76 7.12
C ILE A 26 8.31 -19.64 7.15
N GLY A 27 7.61 -19.73 6.00
CA GLY A 27 6.41 -20.55 5.83
C GLY A 27 6.57 -22.00 6.22
N ARG A 28 7.62 -22.65 5.69
CA ARG A 28 7.98 -24.03 5.95
C ARG A 28 8.28 -24.22 7.45
N GLU A 29 8.95 -23.23 8.05
CA GLU A 29 9.33 -23.24 9.46
C GLU A 29 8.10 -23.14 10.39
N MET A 30 7.13 -22.29 10.00
CA MET A 30 5.87 -22.10 10.72
C MET A 30 5.08 -23.41 10.72
N ALA A 31 5.04 -24.09 9.55
CA ALA A 31 4.35 -25.36 9.35
C ALA A 31 4.94 -26.46 10.24
N TYR A 32 6.26 -26.44 10.46
CA TYR A 32 6.98 -27.40 11.31
C TYR A 32 6.71 -27.17 12.80
N HIS A 33 6.64 -25.88 13.22
CA HIS A 33 6.36 -25.48 14.60
C HIS A 33 4.95 -25.89 15.01
N LEU A 34 3.96 -25.64 14.11
CA LEU A 34 2.55 -25.98 14.29
C LEU A 34 2.39 -27.48 14.38
N ALA A 35 3.25 -28.23 13.66
CA ALA A 35 3.24 -29.69 13.67
C ALA A 35 3.72 -30.19 15.05
N LYS A 36 4.86 -29.66 15.58
CA LYS A 36 5.42 -29.99 16.91
C LYS A 36 4.41 -29.73 18.04
N MET A 37 3.46 -28.80 17.81
CA MET A 37 2.41 -28.43 18.76
C MET A 37 1.12 -29.31 18.62
N GLY A 38 1.10 -30.17 17.59
CA GLY A 38 0.00 -31.08 17.32
C GLY A 38 -1.22 -30.46 16.66
N ALA A 39 -1.02 -29.53 15.71
CA ALA A 39 -2.10 -28.88 14.97
C ALA A 39 -2.43 -29.60 13.65
N HIS A 40 -3.64 -29.35 13.09
CA HIS A 40 -4.06 -29.84 11.78
C HIS A 40 -3.55 -28.77 10.80
N VAL A 41 -2.64 -29.12 9.88
CA VAL A 41 -2.10 -28.13 8.94
C VAL A 41 -2.39 -28.42 7.46
N VAL A 42 -2.72 -27.37 6.71
CA VAL A 42 -2.89 -27.44 5.26
C VAL A 42 -1.90 -26.44 4.72
N VAL A 43 -0.97 -26.91 3.90
CA VAL A 43 0.08 -26.08 3.34
C VAL A 43 -0.07 -25.88 1.84
N THR A 44 0.40 -24.77 1.31
CA THR A 44 0.35 -24.59 -0.12
C THR A 44 1.56 -23.85 -0.65
N ALA A 45 1.91 -24.14 -1.89
CA ALA A 45 2.93 -23.45 -2.64
C ALA A 45 2.71 -23.93 -4.06
N ARG A 46 3.39 -23.35 -5.02
CA ARG A 46 3.39 -23.90 -6.37
C ARG A 46 4.02 -25.28 -6.49
N SER A 47 5.09 -25.55 -5.74
CA SER A 47 5.84 -26.77 -5.95
C SER A 47 5.30 -27.97 -5.20
N LYS A 48 4.77 -28.91 -5.96
CA LYS A 48 4.21 -30.14 -5.42
C LYS A 48 5.23 -31.03 -4.76
N GLU A 49 6.39 -31.22 -5.38
CA GLU A 49 7.35 -32.12 -4.73
C GLU A 49 7.95 -31.60 -3.41
N THR A 50 8.34 -30.32 -3.34
CA THR A 50 8.90 -29.74 -2.09
C THR A 50 7.80 -29.78 -0.98
N LEU A 51 6.51 -29.47 -1.35
CA LEU A 51 5.34 -29.50 -0.47
C LEU A 51 5.15 -30.89 0.17
N GLN A 52 5.26 -31.96 -0.65
CA GLN A 52 5.17 -33.36 -0.22
C GLN A 52 6.14 -33.61 0.93
N LYS A 53 7.43 -33.28 0.72
CA LYS A 53 8.52 -33.42 1.69
C LYS A 53 8.20 -32.71 3.02
N VAL A 54 7.62 -31.51 2.92
CA VAL A 54 7.21 -30.69 4.06
C VAL A 54 6.08 -31.40 4.85
N VAL A 55 5.06 -31.88 4.15
CA VAL A 55 3.90 -32.57 4.73
C VAL A 55 4.32 -33.82 5.51
N SER A 56 5.18 -34.66 4.92
CA SER A 56 5.66 -35.86 5.58
C SER A 56 6.46 -35.52 6.83
N HIS A 57 7.33 -34.49 6.77
CA HIS A 57 8.11 -34.05 7.92
C HIS A 57 7.22 -33.50 9.02
N CYS A 58 6.08 -32.88 8.67
CA CYS A 58 5.09 -32.38 9.62
C CYS A 58 4.50 -33.53 10.44
N LEU A 59 4.13 -34.63 9.76
CA LEU A 59 3.57 -35.82 10.38
C LEU A 59 4.58 -36.52 11.29
N GLU A 60 5.88 -36.37 10.96
CA GLU A 60 7.02 -36.92 11.72
C GLU A 60 7.22 -36.15 13.03
N LEU A 61 6.83 -34.84 13.05
CA LEU A 61 6.94 -33.94 14.21
C LEU A 61 5.74 -34.02 15.17
N GLY A 62 4.70 -34.75 14.75
CA GLY A 62 3.51 -34.97 15.55
C GLY A 62 2.29 -34.13 15.23
N ALA A 63 2.10 -33.77 13.94
CA ALA A 63 0.93 -33.01 13.49
C ALA A 63 -0.29 -33.91 13.55
N ALA A 64 -1.44 -33.34 14.00
CA ALA A 64 -2.73 -34.05 14.10
C ALA A 64 -3.15 -34.56 12.70
N SER A 65 -2.77 -33.78 11.66
CA SER A 65 -2.94 -34.03 10.22
C SER A 65 -2.08 -33.00 9.48
N ALA A 66 -1.62 -33.37 8.28
CA ALA A 66 -0.83 -32.50 7.40
C ALA A 66 -1.18 -32.81 5.97
N HIS A 67 -1.57 -31.77 5.23
CA HIS A 67 -1.98 -31.87 3.84
C HIS A 67 -1.40 -30.74 3.02
N TYR A 68 -1.33 -30.91 1.69
CA TYR A 68 -0.83 -29.91 0.75
C TYR A 68 -1.76 -29.78 -0.44
N ILE A 69 -1.85 -28.58 -1.01
CA ILE A 69 -2.59 -28.27 -2.23
C ILE A 69 -1.67 -27.30 -3.00
N ALA A 70 -1.13 -27.78 -4.14
CA ALA A 70 -0.23 -26.99 -5.00
C ALA A 70 -1.00 -25.99 -5.90
N GLY A 71 -0.42 -24.81 -6.10
CA GLY A 71 -1.00 -23.81 -7.00
C GLY A 71 -0.40 -22.42 -6.94
N THR A 72 -0.74 -21.61 -7.96
CA THR A 72 -0.28 -20.23 -8.01
C THR A 72 -1.34 -19.31 -7.50
N MET A 73 -0.93 -18.36 -6.66
CA MET A 73 -1.76 -17.32 -6.07
C MET A 73 -1.93 -16.12 -7.03
N GLU A 74 -1.51 -16.27 -8.30
CA GLU A 74 -1.72 -15.30 -9.38
C GLU A 74 -3.16 -15.55 -9.83
N ASP A 75 -3.58 -16.83 -9.75
CA ASP A 75 -4.91 -17.30 -10.09
C ASP A 75 -5.86 -17.09 -8.89
N MET A 76 -6.75 -16.09 -8.99
CA MET A 76 -7.67 -15.77 -7.89
C MET A 76 -8.72 -16.86 -7.61
N THR A 77 -9.06 -17.66 -8.63
CA THR A 77 -10.03 -18.75 -8.46
C THR A 77 -9.39 -19.89 -7.69
N PHE A 78 -8.06 -20.11 -7.86
CA PHE A 78 -7.30 -21.11 -7.11
C PHE A 78 -7.30 -20.74 -5.62
N ALA A 79 -7.04 -19.46 -5.31
CA ALA A 79 -7.07 -18.91 -3.96
C ALA A 79 -8.40 -19.25 -3.29
N GLU A 80 -9.53 -18.96 -3.99
CA GLU A 80 -10.91 -19.23 -3.57
C GLU A 80 -11.14 -20.73 -3.34
N GLN A 81 -10.90 -21.57 -4.36
CA GLN A 81 -11.08 -23.02 -4.25
C GLN A 81 -10.14 -23.71 -3.24
N PHE A 82 -8.92 -23.15 -3.01
CA PHE A 82 -7.94 -23.68 -2.06
C PHE A 82 -8.47 -23.70 -0.61
N VAL A 83 -8.99 -22.55 -0.12
CA VAL A 83 -9.59 -22.34 1.21
C VAL A 83 -10.75 -23.32 1.43
N ALA A 84 -11.58 -23.52 0.39
CA ALA A 84 -12.73 -24.42 0.36
C ALA A 84 -12.32 -25.88 0.61
N GLN A 85 -11.28 -26.37 -0.12
CA GLN A 85 -10.77 -27.75 -0.02
C GLN A 85 -10.05 -27.97 1.30
N ALA A 86 -9.25 -26.99 1.73
CA ALA A 86 -8.50 -26.98 3.00
C ALA A 86 -9.48 -27.07 4.17
N GLY A 87 -10.52 -26.22 4.13
CA GLY A 87 -11.60 -26.19 5.12
C GLY A 87 -12.27 -27.54 5.20
N LYS A 88 -12.60 -28.14 4.03
CA LYS A 88 -13.18 -29.47 3.89
C LYS A 88 -12.32 -30.54 4.56
N LEU A 89 -10.97 -30.44 4.39
CA LEU A 89 -10.02 -31.39 4.95
C LEU A 89 -9.96 -31.39 6.48
N MET A 90 -10.03 -30.19 7.09
CA MET A 90 -9.94 -29.99 8.55
C MET A 90 -11.32 -29.85 9.25
N GLY A 91 -12.40 -29.73 8.48
CA GLY A 91 -13.74 -29.56 9.02
C GLY A 91 -13.99 -28.15 9.55
N GLY A 92 -13.09 -27.23 9.23
CA GLY A 92 -13.14 -25.83 9.66
C GLY A 92 -11.77 -25.20 9.62
N LEU A 93 -11.67 -23.93 10.08
CA LEU A 93 -10.43 -23.15 10.11
C LEU A 93 -10.32 -22.29 11.37
N ASP A 94 -9.20 -22.42 12.09
CA ASP A 94 -8.95 -21.65 13.31
C ASP A 94 -8.00 -20.50 13.09
N MET A 95 -7.03 -20.65 12.17
CA MET A 95 -6.03 -19.63 11.88
C MET A 95 -5.64 -19.64 10.41
N LEU A 96 -5.56 -18.44 9.81
CA LEU A 96 -5.15 -18.25 8.42
C LEU A 96 -3.82 -17.49 8.38
N ILE A 97 -2.74 -18.17 7.97
CA ILE A 97 -1.42 -17.55 7.86
C ILE A 97 -1.10 -17.21 6.39
N LEU A 98 -1.26 -15.93 6.04
CA LEU A 98 -1.00 -15.41 4.69
C LEU A 98 0.46 -14.97 4.68
N ASN A 99 1.30 -15.75 3.96
CA ASN A 99 2.74 -15.58 3.98
C ASN A 99 3.47 -15.55 2.64
N HIS A 100 2.86 -16.04 1.58
CA HIS A 100 3.52 -16.13 0.26
C HIS A 100 3.88 -14.79 -0.37
N ILE A 101 4.86 -14.80 -1.29
CA ILE A 101 5.31 -13.66 -2.09
C ILE A 101 5.78 -14.13 -3.46
N THR A 102 5.56 -13.30 -4.50
CA THR A 102 6.07 -13.57 -5.84
C THR A 102 7.60 -13.33 -5.83
N ASN A 103 8.32 -14.01 -6.72
CA ASN A 103 9.77 -13.84 -6.84
C ASN A 103 10.11 -12.40 -7.25
N THR A 104 11.03 -11.79 -6.51
CA THR A 104 11.53 -10.45 -6.82
C THR A 104 13.03 -10.52 -6.66
N SER A 105 13.73 -9.58 -7.31
CA SER A 105 15.17 -9.41 -7.15
C SER A 105 15.40 -7.97 -6.65
N LEU A 106 16.52 -7.72 -5.98
CA LEU A 106 16.86 -6.37 -5.54
C LEU A 106 17.39 -5.64 -6.78
N ASN A 107 16.59 -4.70 -7.32
CA ASN A 107 16.93 -3.95 -8.53
C ASN A 107 16.30 -2.59 -8.61
N LEU A 108 16.94 -1.62 -9.31
CA LEU A 108 16.39 -0.27 -9.47
C LEU A 108 15.15 -0.33 -10.36
N PHE A 109 14.17 0.56 -10.13
CA PHE A 109 12.92 0.55 -10.91
C PHE A 109 13.09 1.35 -12.18
N HIS A 110 12.73 0.74 -13.32
CA HIS A 110 12.82 1.43 -14.59
C HIS A 110 11.44 1.59 -15.23
N ASP A 111 10.87 0.49 -15.71
CA ASP A 111 9.59 0.50 -16.40
C ASP A 111 8.82 -0.83 -16.34
N ASP A 112 9.16 -1.73 -15.39
CA ASP A 112 8.52 -3.04 -15.28
C ASP A 112 7.18 -2.98 -14.54
N ILE A 113 6.15 -2.51 -15.27
CA ILE A 113 4.77 -2.35 -14.82
C ILE A 113 4.10 -3.71 -14.61
N HIS A 114 4.50 -4.70 -15.38
CA HIS A 114 3.98 -6.06 -15.24
C HIS A 114 4.41 -6.63 -13.92
N HIS A 115 5.61 -6.28 -13.48
CA HIS A 115 6.14 -6.74 -12.22
C HIS A 115 5.42 -6.06 -11.01
N VAL A 116 5.14 -4.75 -11.10
CA VAL A 116 4.41 -4.01 -10.07
C VAL A 116 3.02 -4.69 -9.96
N ARG A 117 2.34 -4.96 -11.11
CA ARG A 117 1.03 -5.63 -11.17
C ARG A 117 1.04 -7.04 -10.53
N LYS A 118 2.00 -7.90 -10.95
CA LYS A 118 2.16 -9.26 -10.44
C LYS A 118 2.34 -9.29 -8.91
N SER A 119 3.19 -8.40 -8.36
CA SER A 119 3.46 -8.27 -6.92
C SER A 119 2.19 -7.86 -6.20
N MET A 120 1.48 -6.86 -6.73
CA MET A 120 0.24 -6.38 -6.19
C MET A 120 -0.81 -7.51 -6.18
N GLU A 121 -0.83 -8.36 -7.22
CA GLU A 121 -1.73 -9.51 -7.32
C GLU A 121 -1.43 -10.66 -6.35
N VAL A 122 -0.17 -11.16 -6.36
CA VAL A 122 0.29 -12.27 -5.53
C VAL A 122 0.45 -11.88 -4.07
N ASN A 123 1.17 -10.78 -3.79
CA ASN A 123 1.46 -10.33 -2.43
C ASN A 123 0.31 -9.62 -1.74
N PHE A 124 -0.63 -9.00 -2.48
CA PHE A 124 -1.74 -8.22 -1.90
C PHE A 124 -3.16 -8.76 -2.20
N LEU A 125 -3.66 -8.65 -3.45
CA LEU A 125 -5.01 -9.11 -3.76
C LEU A 125 -5.31 -10.54 -3.36
N SER A 126 -4.35 -11.48 -3.59
CA SER A 126 -4.56 -12.90 -3.25
C SER A 126 -4.82 -13.08 -1.75
N TYR A 127 -4.22 -12.19 -0.89
CA TYR A 127 -4.38 -12.16 0.57
C TYR A 127 -5.82 -11.76 0.87
N VAL A 128 -6.32 -10.69 0.20
CA VAL A 128 -7.71 -10.20 0.31
C VAL A 128 -8.71 -11.32 -0.13
N VAL A 129 -8.46 -11.95 -1.30
CA VAL A 129 -9.27 -13.05 -1.85
C VAL A 129 -9.30 -14.23 -0.86
N LEU A 130 -8.14 -14.62 -0.28
CA LEU A 130 -8.05 -15.72 0.70
C LEU A 130 -8.86 -15.40 1.96
N THR A 131 -8.79 -14.14 2.43
CA THR A 131 -9.50 -13.64 3.60
C THR A 131 -11.02 -13.74 3.42
N VAL A 132 -11.55 -13.21 2.29
CA VAL A 132 -12.99 -13.20 1.96
C VAL A 132 -13.56 -14.64 2.01
N ALA A 133 -12.83 -15.58 1.39
CA ALA A 133 -13.14 -17.00 1.32
C ALA A 133 -13.17 -17.65 2.70
N ALA A 134 -12.18 -17.30 3.55
CA ALA A 134 -11.97 -17.86 4.90
C ALA A 134 -12.85 -17.27 5.99
N LEU A 135 -13.27 -16.02 5.80
CA LEU A 135 -14.04 -15.27 6.77
C LEU A 135 -15.27 -15.97 7.36
N PRO A 136 -16.15 -16.68 6.59
CA PRO A 136 -17.28 -17.38 7.22
C PRO A 136 -16.84 -18.45 8.22
N MET A 137 -15.81 -19.27 7.87
CA MET A 137 -15.23 -20.31 8.73
C MET A 137 -14.55 -19.72 9.96
N LEU A 138 -13.78 -18.62 9.77
CA LEU A 138 -13.07 -17.93 10.87
C LEU A 138 -14.01 -17.30 11.86
N LYS A 139 -15.21 -16.93 11.41
CA LYS A 139 -16.25 -16.32 12.23
C LYS A 139 -16.82 -17.35 13.20
N GLN A 140 -16.97 -18.62 12.73
CA GLN A 140 -17.50 -19.75 13.51
C GLN A 140 -16.62 -20.09 14.70
N SER A 141 -15.30 -20.18 14.46
CA SER A 141 -14.26 -20.55 15.41
C SER A 141 -13.73 -19.38 16.24
N ASN A 142 -14.12 -18.14 15.87
CA ASN A 142 -13.62 -16.88 16.44
C ASN A 142 -12.10 -16.81 16.22
N GLY A 143 -11.72 -17.16 14.99
CA GLY A 143 -10.38 -17.30 14.49
C GLY A 143 -9.46 -16.10 14.42
N SER A 144 -8.35 -16.30 13.69
CA SER A 144 -7.24 -15.37 13.54
C SER A 144 -6.68 -15.36 12.13
N ILE A 145 -6.37 -14.14 11.63
CA ILE A 145 -5.72 -13.89 10.34
C ILE A 145 -4.35 -13.33 10.67
N VAL A 146 -3.30 -13.95 10.13
CA VAL A 146 -1.91 -13.53 10.31
C VAL A 146 -1.39 -13.09 8.94
N VAL A 147 -1.00 -11.82 8.85
CA VAL A 147 -0.48 -11.21 7.62
C VAL A 147 1.03 -10.97 7.79
N VAL A 148 1.85 -11.69 7.03
CA VAL A 148 3.29 -11.57 7.14
C VAL A 148 3.76 -10.44 6.26
N SER A 149 4.25 -9.37 6.92
CA SER A 149 4.76 -8.18 6.23
C SER A 149 6.23 -8.05 6.53
N SER A 150 6.79 -6.86 6.25
CA SER A 150 8.20 -6.54 6.41
C SER A 150 8.38 -5.11 6.91
N LEU A 151 9.62 -4.79 7.26
CA LEU A 151 10.08 -3.46 7.65
C LEU A 151 9.97 -2.57 6.39
N ALA A 152 10.23 -3.17 5.20
CA ALA A 152 10.11 -2.60 3.87
C ALA A 152 8.62 -2.28 3.58
N GLY A 153 7.71 -2.78 4.44
CA GLY A 153 6.29 -2.50 4.35
C GLY A 153 5.83 -1.48 5.37
N LYS A 154 6.77 -0.79 6.03
CA LYS A 154 6.53 0.24 7.05
C LYS A 154 7.38 1.46 6.78
N VAL A 155 8.53 1.23 6.19
CA VAL A 155 9.61 2.17 5.94
C VAL A 155 10.09 2.02 4.48
N ALA A 156 10.76 3.04 3.92
CA ALA A 156 11.22 3.03 2.53
C ALA A 156 12.67 2.70 2.30
N TYR A 157 12.92 1.69 1.45
CA TYR A 157 14.26 1.24 1.03
C TYR A 157 14.33 1.24 -0.50
N PRO A 158 15.49 1.54 -1.13
CA PRO A 158 15.61 1.39 -2.58
C PRO A 158 15.68 -0.10 -2.95
N LEU A 159 15.48 -0.44 -4.23
CA LEU A 159 15.58 -1.80 -4.80
C LEU A 159 14.38 -2.75 -4.59
N VAL A 160 13.36 -2.28 -3.84
CA VAL A 160 12.17 -3.07 -3.49
C VAL A 160 10.83 -2.32 -3.67
N ALA A 161 10.78 -1.31 -4.57
CA ALA A 161 9.57 -0.51 -4.84
C ALA A 161 8.25 -1.28 -5.02
N ALA A 162 8.18 -2.25 -5.96
CA ALA A 162 6.96 -3.06 -6.16
C ALA A 162 6.55 -3.85 -4.91
N TYR A 163 7.55 -4.47 -4.23
CA TYR A 163 7.44 -5.28 -3.02
C TYR A 163 6.95 -4.41 -1.85
N SER A 164 7.55 -3.22 -1.70
CA SER A 164 7.19 -2.27 -0.68
C SER A 164 5.76 -1.83 -0.86
N ALA A 165 5.38 -1.45 -2.11
CA ALA A 165 4.01 -1.02 -2.45
C ALA A 165 3.02 -2.10 -2.02
N SER A 166 3.31 -3.38 -2.30
CA SER A 166 2.42 -4.51 -1.94
C SER A 166 2.31 -4.69 -0.43
N LYS A 167 3.43 -4.59 0.29
CA LYS A 167 3.47 -4.73 1.74
C LYS A 167 2.80 -3.54 2.43
N PHE A 168 3.01 -2.31 1.91
CA PHE A 168 2.35 -1.11 2.43
C PHE A 168 0.81 -1.27 2.27
N ALA A 169 0.38 -1.72 1.06
CA ALA A 169 -1.04 -1.99 0.73
C ALA A 169 -1.70 -2.94 1.74
N LEU A 170 -0.99 -4.02 2.16
CA LEU A 170 -1.50 -4.97 3.15
C LEU A 170 -1.82 -4.29 4.48
N ASP A 171 -0.93 -3.36 4.92
CA ASP A 171 -1.07 -2.57 6.15
C ASP A 171 -2.37 -1.73 6.09
N GLY A 172 -2.54 -0.93 5.02
CA GLY A 172 -3.72 -0.10 4.84
C GLY A 172 -5.00 -0.91 4.86
N PHE A 173 -5.05 -1.98 4.04
CA PHE A 173 -6.23 -2.84 3.95
C PHE A 173 -6.57 -3.54 5.27
N PHE A 174 -5.66 -4.39 5.77
CA PHE A 174 -5.87 -5.16 7.00
C PHE A 174 -6.04 -4.33 8.27
N SER A 175 -5.30 -3.21 8.35
CA SER A 175 -5.41 -2.31 9.48
C SER A 175 -6.79 -1.61 9.50
N SER A 176 -7.32 -1.24 8.33
CA SER A 176 -8.67 -0.65 8.19
C SER A 176 -9.76 -1.70 8.49
N ILE A 177 -9.66 -2.94 7.91
CA ILE A 177 -10.66 -4.00 8.20
C ILE A 177 -10.64 -4.38 9.68
N ARG A 178 -9.47 -4.28 10.35
CA ARG A 178 -9.36 -4.54 11.79
C ARG A 178 -10.24 -3.55 12.57
N LYS A 179 -10.25 -2.25 12.14
CA LYS A 179 -11.12 -1.20 12.74
C LYS A 179 -12.59 -1.55 12.47
N GLU A 180 -12.90 -2.05 11.26
CA GLU A 180 -14.26 -2.45 10.87
C GLU A 180 -14.73 -3.64 11.70
N TYR A 181 -13.86 -4.65 11.92
CA TYR A 181 -14.22 -5.83 12.74
C TYR A 181 -14.45 -5.44 14.18
N SER A 182 -13.76 -4.37 14.63
CA SER A 182 -13.89 -3.84 15.98
C SER A 182 -15.27 -3.25 16.19
N VAL A 183 -15.72 -2.38 15.26
CA VAL A 183 -17.04 -1.75 15.28
C VAL A 183 -18.17 -2.72 14.97
N SER A 184 -18.02 -3.57 13.92
CA SER A 184 -19.00 -4.58 13.50
C SER A 184 -19.15 -5.70 14.54
N ARG A 185 -18.18 -5.80 15.48
CA ARG A 185 -18.11 -6.84 16.50
C ARG A 185 -17.93 -8.25 15.89
N VAL A 186 -17.04 -8.34 14.90
CA VAL A 186 -16.64 -9.58 14.23
C VAL A 186 -15.47 -10.11 15.08
N ASN A 187 -15.64 -11.27 15.76
CA ASN A 187 -14.55 -11.78 16.60
C ASN A 187 -13.51 -12.58 15.84
N VAL A 188 -12.78 -11.88 14.97
CA VAL A 188 -11.70 -12.42 14.16
C VAL A 188 -10.56 -11.44 14.31
N SER A 189 -9.42 -11.92 14.84
CA SER A 189 -8.23 -11.10 15.04
C SER A 189 -7.39 -11.02 13.77
N ILE A 190 -6.70 -9.87 13.59
CA ILE A 190 -5.78 -9.59 12.49
C ILE A 190 -4.41 -9.23 13.07
N THR A 191 -3.38 -10.00 12.69
CA THR A 191 -2.00 -9.79 13.16
C THR A 191 -1.13 -9.41 11.99
N LEU A 192 -0.51 -8.23 12.05
CA LEU A 192 0.43 -7.81 11.01
C LEU A 192 1.85 -7.97 11.59
N CYS A 193 2.68 -8.74 10.88
CA CYS A 193 4.04 -9.09 11.27
C CYS A 193 5.04 -8.22 10.54
N VAL A 194 5.83 -7.42 11.28
CA VAL A 194 6.85 -6.53 10.74
C VAL A 194 8.18 -7.17 11.03
N LEU A 195 8.78 -7.76 9.99
CA LEU A 195 10.05 -8.45 10.11
C LEU A 195 11.16 -7.72 9.41
N GLY A 196 12.36 -7.82 9.98
CA GLY A 196 13.57 -7.33 9.32
C GLY A 196 14.12 -8.47 8.47
N LEU A 197 15.35 -8.38 8.03
CA LEU A 197 15.98 -9.43 7.24
C LEU A 197 16.06 -10.77 8.01
N ILE A 198 15.54 -11.85 7.41
CA ILE A 198 15.58 -13.20 8.01
C ILE A 198 16.53 -14.08 7.20
N ASP A 199 17.16 -15.07 7.84
CA ASP A 199 18.13 -15.94 7.16
C ASP A 199 17.56 -17.04 6.23
N THR A 200 16.52 -16.71 5.45
CA THR A 200 15.97 -17.66 4.49
C THR A 200 16.94 -17.76 3.30
N GLU A 201 16.96 -18.95 2.59
CA GLU A 201 17.84 -19.12 1.44
C GLU A 201 17.51 -18.07 0.35
N THR A 202 16.20 -17.73 0.19
CA THR A 202 15.73 -16.70 -0.74
C THR A 202 16.41 -15.38 -0.41
N ALA A 203 16.20 -14.85 0.81
CA ALA A 203 16.78 -13.60 1.29
C ALA A 203 18.31 -13.59 1.23
N MET A 204 18.96 -14.67 1.70
CA MET A 204 20.42 -14.79 1.71
C MET A 204 21.04 -14.57 0.33
N LYS A 205 20.40 -15.17 -0.71
CA LYS A 205 20.78 -15.07 -2.12
C LYS A 205 20.40 -13.73 -2.76
N ALA A 206 19.27 -13.15 -2.35
CA ALA A 206 18.77 -11.91 -2.93
C ALA A 206 19.50 -10.68 -2.44
N VAL A 207 20.01 -10.73 -1.19
CA VAL A 207 20.67 -9.63 -0.49
C VAL A 207 22.13 -9.99 -0.28
N MET A 213 23.93 -7.46 5.77
CA MET A 213 23.76 -7.14 7.20
C MET A 213 23.68 -8.43 8.09
N GLN A 214 22.97 -8.34 9.25
CA GLN A 214 22.76 -9.51 10.11
C GLN A 214 21.30 -9.92 10.06
N ALA A 215 21.07 -11.07 9.39
CA ALA A 215 19.79 -11.74 9.29
C ALA A 215 19.49 -12.37 10.65
N ALA A 216 18.19 -12.53 10.95
CA ALA A 216 17.73 -13.13 12.19
C ALA A 216 17.36 -14.61 11.90
N PRO A 217 17.44 -15.53 12.90
CA PRO A 217 17.11 -16.93 12.61
C PRO A 217 15.66 -17.16 12.21
N LYS A 218 15.47 -17.93 11.08
CA LYS A 218 14.15 -18.27 10.52
C LYS A 218 13.23 -19.04 11.46
N GLU A 219 13.83 -19.87 12.32
CA GLU A 219 13.17 -20.74 13.29
C GLU A 219 12.45 -19.96 14.37
N GLU A 220 13.13 -18.95 14.96
CA GLU A 220 12.58 -18.12 16.01
C GLU A 220 11.56 -17.16 15.42
N CYS A 221 11.87 -16.59 14.24
CA CYS A 221 10.97 -15.73 13.48
C CYS A 221 9.62 -16.44 13.27
N ALA A 222 9.67 -17.71 12.84
CA ALA A 222 8.49 -18.54 12.63
C ALA A 222 7.65 -18.64 13.89
N LEU A 223 8.29 -19.03 15.02
CA LEU A 223 7.64 -19.21 16.31
C LEU A 223 6.98 -17.94 16.82
N GLU A 224 7.64 -16.77 16.63
CA GLU A 224 7.12 -15.46 17.01
C GLU A 224 5.82 -15.12 16.28
N ILE A 225 5.81 -15.24 14.93
CA ILE A 225 4.62 -15.02 14.08
C ILE A 225 3.40 -15.80 14.62
N ILE A 226 3.58 -17.12 14.90
CA ILE A 226 2.55 -18.01 15.45
C ILE A 226 2.09 -17.51 16.84
N LYS A 227 3.07 -17.22 17.73
CA LYS A 227 2.82 -16.74 19.09
C LYS A 227 1.94 -15.47 19.06
N GLY A 228 2.33 -14.50 18.22
CA GLY A 228 1.62 -13.24 18.07
C GLY A 228 0.20 -13.41 17.62
N GLY A 229 0.01 -14.28 16.61
CA GLY A 229 -1.30 -14.66 16.07
C GLY A 229 -2.16 -15.30 17.12
N ALA A 230 -1.62 -16.33 17.80
CA ALA A 230 -2.27 -17.06 18.90
C ALA A 230 -2.68 -16.09 20.04
N LEU A 231 -1.80 -15.15 20.40
CA LEU A 231 -2.10 -14.18 21.45
C LEU A 231 -2.97 -13.00 20.99
N ARG A 232 -3.41 -13.03 19.72
CA ARG A 232 -4.32 -12.06 19.08
C ARG A 232 -3.79 -10.62 19.04
N GLN A 233 -2.44 -10.48 19.03
CA GLN A 233 -1.71 -9.20 18.93
C GLN A 233 -1.99 -8.53 17.57
N GLU A 234 -2.03 -7.18 17.55
CA GLU A 234 -2.27 -6.41 16.33
C GLU A 234 -1.03 -6.42 15.47
N GLU A 235 0.13 -6.22 16.10
CA GLU A 235 1.42 -6.25 15.42
C GLU A 235 2.44 -7.13 16.09
N VAL A 236 3.31 -7.71 15.29
CA VAL A 236 4.41 -8.57 15.75
C VAL A 236 5.66 -8.01 15.14
N TYR A 237 6.68 -7.78 15.97
CA TYR A 237 7.96 -7.28 15.48
C TYR A 237 9.02 -8.34 15.64
N TYR A 238 9.85 -8.54 14.62
CA TYR A 238 10.95 -9.48 14.69
C TYR A 238 12.11 -8.97 13.88
N ASP A 239 13.19 -8.61 14.59
CA ASP A 239 14.39 -8.05 14.00
C ASP A 239 15.60 -8.48 14.84
N SER A 240 16.78 -8.55 14.22
CA SER A 240 18.03 -8.95 14.87
C SER A 240 18.56 -7.91 15.81
N SER A 241 18.05 -6.69 15.74
CA SER A 241 18.44 -5.53 16.57
C SER A 241 17.41 -5.10 17.59
N ARG A 242 17.91 -4.60 18.72
CA ARG A 242 17.14 -4.04 19.84
C ARG A 242 16.66 -2.64 19.42
N TRP A 243 17.57 -1.89 18.80
CA TRP A 243 17.31 -0.55 18.31
C TRP A 243 16.20 -0.51 17.31
N THR A 244 16.27 -1.37 16.27
CA THR A 244 15.26 -1.44 15.23
C THR A 244 13.88 -1.74 15.78
N THR A 245 13.75 -2.69 16.74
CA THR A 245 12.47 -3.04 17.35
C THR A 245 11.86 -1.88 18.09
N LEU A 246 12.69 -1.12 18.82
CA LEU A 246 12.21 0.07 19.53
C LEU A 246 11.59 1.09 18.55
N LEU A 247 12.20 1.24 17.37
CA LEU A 247 11.80 2.20 16.36
C LEU A 247 10.71 1.68 15.44
N ILE A 248 10.35 0.38 15.49
CA ILE A 248 9.29 -0.13 14.60
C ILE A 248 7.97 0.54 14.83
N ARG A 249 7.53 0.60 16.13
CA ARG A 249 6.29 1.20 16.64
C ARG A 249 6.07 2.63 16.13
N ASN A 250 4.78 2.99 15.83
CA ASN A 250 4.37 4.34 15.41
C ASN A 250 3.31 4.87 16.39
N PRO A 251 3.71 5.32 17.60
CA PRO A 251 2.71 5.82 18.57
C PRO A 251 1.84 6.99 18.10
N SER A 252 2.34 7.85 17.18
CA SER A 252 1.54 8.98 16.68
C SER A 252 0.34 8.46 15.89
N ARG A 253 0.57 7.40 15.08
CA ARG A 253 -0.41 6.71 14.26
C ARG A 253 -1.50 6.22 15.18
N LYS A 254 -1.10 5.49 16.24
CA LYS A 254 -2.03 4.99 17.26
C LYS A 254 -2.85 6.07 17.84
N ILE A 255 -2.22 7.21 18.23
CA ILE A 255 -2.96 8.36 18.75
C ILE A 255 -3.91 8.84 17.68
N LEU A 256 -3.41 9.11 16.47
CA LEU A 256 -4.26 9.61 15.37
C LEU A 256 -5.48 8.72 15.14
N GLU A 257 -5.28 7.38 15.09
CA GLU A 257 -6.32 6.36 14.89
C GLU A 257 -7.33 6.41 16.02
N GLU A 258 -6.84 6.21 17.26
CA GLU A 258 -7.60 6.21 18.50
C GLU A 258 -8.32 7.53 18.76
N LEU A 259 -7.73 8.69 18.35
CA LEU A 259 -8.39 9.99 18.49
C LEU A 259 -9.63 10.09 17.58
N TYR A 260 -9.68 9.33 16.46
CA TYR A 260 -10.88 9.27 15.63
C TYR A 260 -11.97 8.40 16.33
N SER A 261 -11.62 7.16 16.77
CA SER A 261 -12.57 6.19 17.37
C SER A 261 -13.22 6.68 18.64
N THR A 262 -12.41 7.37 19.48
CA THR A 262 -12.89 7.97 20.73
C THR A 262 -13.61 9.32 20.49
N SER A 263 -13.92 9.63 19.20
CA SER A 263 -14.62 10.84 18.76
C SER A 263 -15.90 10.46 17.95
N TYR A 264 -15.87 9.30 17.25
CA TYR A 264 -16.96 8.74 16.45
C TYR A 264 -16.83 7.21 16.49
N ASN A 265 -17.89 6.50 16.95
CA ASN A 265 -18.06 5.04 17.10
C ASN A 265 -19.04 4.72 18.24
N GLU B 6 9.80 30.38 1.49
CA GLU B 6 10.60 30.93 0.40
C GLU B 6 9.92 30.80 -0.99
N PHE B 7 8.63 30.41 -1.00
CA PHE B 7 7.88 30.26 -2.24
C PHE B 7 7.47 31.60 -2.85
N ARG B 8 7.65 31.72 -4.17
CA ARG B 8 7.27 32.88 -4.96
C ARG B 8 6.40 32.41 -6.13
N PRO B 9 5.17 32.95 -6.32
CA PRO B 9 4.33 32.51 -7.46
C PRO B 9 5.06 32.43 -8.82
N GLU B 10 6.00 33.38 -9.06
CA GLU B 10 6.83 33.49 -10.27
C GLU B 10 7.62 32.22 -10.61
N MET B 11 7.84 31.33 -9.62
CA MET B 11 8.52 30.03 -9.77
C MET B 11 7.72 29.10 -10.72
N LEU B 12 6.43 29.41 -10.93
CA LEU B 12 5.55 28.62 -11.78
C LEU B 12 5.27 29.27 -13.14
N GLN B 13 5.63 30.55 -13.30
CA GLN B 13 5.42 31.27 -14.56
C GLN B 13 6.18 30.60 -15.72
N GLY B 14 5.44 30.27 -16.78
CA GLY B 14 5.96 29.59 -17.96
C GLY B 14 6.25 28.10 -17.81
N LYS B 15 5.96 27.54 -16.62
CA LYS B 15 6.20 26.12 -16.33
C LYS B 15 5.17 25.17 -16.97
N LYS B 16 5.63 23.96 -17.38
CA LYS B 16 4.83 22.94 -18.07
C LYS B 16 4.30 21.95 -17.05
N VAL B 17 2.97 21.98 -16.78
CA VAL B 17 2.39 21.15 -15.72
C VAL B 17 1.19 20.29 -16.13
N ILE B 18 1.23 18.98 -15.77
CA ILE B 18 0.10 18.06 -15.92
C ILE B 18 -0.59 18.02 -14.55
N VAL B 19 -1.92 18.09 -14.55
CA VAL B 19 -2.75 17.97 -13.35
C VAL B 19 -3.81 16.92 -13.69
N THR B 20 -3.79 15.77 -12.97
CA THR B 20 -4.79 14.73 -13.16
C THR B 20 -5.88 14.96 -12.14
N GLY B 21 -7.09 14.46 -12.43
CA GLY B 21 -8.25 14.64 -11.57
C GLY B 21 -8.61 16.11 -11.41
N ALA B 22 -8.58 16.86 -12.53
CA ALA B 22 -8.78 18.31 -12.55
C ALA B 22 -10.15 18.79 -13.02
N SER B 23 -11.14 17.88 -13.16
CA SER B 23 -12.49 18.27 -13.54
C SER B 23 -13.25 18.81 -12.31
N LYS B 24 -12.83 18.37 -11.11
CA LYS B 24 -13.43 18.81 -9.86
C LYS B 24 -12.47 18.77 -8.70
N GLY B 25 -12.97 19.09 -7.51
CA GLY B 25 -12.22 19.08 -6.26
C GLY B 25 -10.91 19.85 -6.24
N ILE B 26 -9.95 19.34 -5.44
CA ILE B 26 -8.61 19.89 -5.24
C ILE B 26 -7.88 20.07 -6.59
N GLY B 27 -8.04 19.08 -7.49
CA GLY B 27 -7.46 19.10 -8.83
C GLY B 27 -7.80 20.34 -9.66
N ARG B 28 -9.09 20.67 -9.73
CA ARG B 28 -9.62 21.83 -10.43
C ARG B 28 -9.04 23.12 -9.82
N GLU B 29 -8.91 23.15 -8.49
CA GLU B 29 -8.38 24.29 -7.75
C GLU B 29 -6.89 24.51 -8.01
N MET B 30 -6.13 23.40 -8.10
CA MET B 30 -4.70 23.43 -8.40
C MET B 30 -4.47 23.99 -9.80
N ALA B 31 -5.30 23.55 -10.77
CA ALA B 31 -5.28 23.99 -12.16
C ALA B 31 -5.52 25.50 -12.28
N TYR B 32 -6.41 26.05 -11.42
CA TYR B 32 -6.75 27.48 -11.38
C TYR B 32 -5.61 28.32 -10.79
N HIS B 33 -4.94 27.80 -9.76
CA HIS B 33 -3.81 28.46 -9.08
C HIS B 33 -2.61 28.57 -10.03
N LEU B 34 -2.31 27.47 -10.75
CA LEU B 34 -1.22 27.39 -11.74
C LEU B 34 -1.51 28.34 -12.89
N ALA B 35 -2.82 28.53 -13.22
CA ALA B 35 -3.31 29.43 -14.26
C ALA B 35 -3.09 30.88 -13.87
N LYS B 36 -3.38 31.25 -12.60
CA LYS B 36 -3.16 32.61 -12.07
C LYS B 36 -1.65 32.97 -12.08
N MET B 37 -0.77 31.96 -11.91
CA MET B 37 0.70 32.10 -11.89
C MET B 37 1.34 32.15 -13.31
N GLY B 38 0.53 31.93 -14.33
CA GLY B 38 0.94 31.97 -15.73
C GLY B 38 1.68 30.75 -16.23
N ALA B 39 1.26 29.54 -15.82
CA ALA B 39 1.86 28.28 -16.24
C ALA B 39 1.14 27.66 -17.45
N HIS B 40 1.81 26.74 -18.18
CA HIS B 40 1.22 25.97 -19.28
C HIS B 40 0.60 24.75 -18.58
N VAL B 41 -0.74 24.57 -18.69
CA VAL B 41 -1.39 23.45 -18.02
C VAL B 41 -2.11 22.49 -18.96
N VAL B 42 -1.99 21.18 -18.69
CA VAL B 42 -2.72 20.14 -19.40
C VAL B 42 -3.48 19.43 -18.30
N VAL B 43 -4.81 19.42 -18.42
CA VAL B 43 -5.70 18.82 -17.43
C VAL B 43 -6.40 17.56 -17.94
N THR B 44 -6.69 16.62 -17.02
CA THR B 44 -7.37 15.38 -17.35
C THR B 44 -8.36 14.90 -16.28
N ALA B 45 -9.39 14.23 -16.77
CA ALA B 45 -10.41 13.55 -16.02
C ALA B 45 -11.29 12.83 -17.03
N ARG B 46 -12.25 12.05 -16.55
CA ARG B 46 -13.28 11.47 -17.39
C ARG B 46 -14.23 12.49 -18.04
N SER B 47 -14.56 13.57 -17.34
CA SER B 47 -15.62 14.49 -17.77
C SER B 47 -15.19 15.58 -18.73
N LYS B 48 -15.50 15.37 -20.00
CA LYS B 48 -15.15 16.28 -21.08
C LYS B 48 -15.80 17.65 -21.05
N GLU B 49 -17.10 17.73 -20.80
CA GLU B 49 -17.70 19.05 -20.73
C GLU B 49 -17.23 19.88 -19.54
N THR B 50 -16.93 19.23 -18.40
CA THR B 50 -16.43 19.95 -17.23
C THR B 50 -14.99 20.41 -17.48
N LEU B 51 -14.14 19.55 -18.06
CA LEU B 51 -12.75 19.89 -18.39
C LEU B 51 -12.70 21.10 -19.32
N GLN B 52 -13.66 21.21 -20.28
CA GLN B 52 -13.76 22.35 -21.20
C GLN B 52 -13.92 23.64 -20.38
N LYS B 53 -14.94 23.69 -19.49
CA LYS B 53 -15.26 24.82 -18.62
C LYS B 53 -14.04 25.21 -17.76
N VAL B 54 -13.30 24.22 -17.23
CA VAL B 54 -12.10 24.41 -16.42
C VAL B 54 -10.99 25.08 -17.26
N VAL B 55 -10.75 24.55 -18.49
CA VAL B 55 -9.73 25.04 -19.42
C VAL B 55 -9.96 26.50 -19.80
N SER B 56 -11.20 26.86 -20.13
CA SER B 56 -11.52 28.24 -20.49
C SER B 56 -11.31 29.18 -19.30
N HIS B 57 -11.72 28.75 -18.08
CA HIS B 57 -11.51 29.54 -16.86
C HIS B 57 -10.04 29.73 -16.55
N CYS B 58 -9.20 28.73 -16.89
CA CYS B 58 -7.74 28.80 -16.72
C CYS B 58 -7.16 29.92 -17.58
N LEU B 59 -7.58 29.99 -18.86
CA LEU B 59 -7.15 31.01 -19.81
C LEU B 59 -7.60 32.42 -19.39
N GLU B 60 -8.73 32.50 -18.68
CA GLU B 60 -9.29 33.75 -18.11
C GLU B 60 -8.43 34.24 -16.92
N LEU B 61 -7.80 33.31 -16.20
CA LEU B 61 -6.96 33.64 -15.05
C LEU B 61 -5.51 34.03 -15.44
N GLY B 62 -5.18 33.85 -16.71
CA GLY B 62 -3.87 34.21 -17.25
C GLY B 62 -2.89 33.08 -17.47
N ALA B 63 -3.38 31.87 -17.80
CA ALA B 63 -2.53 30.71 -18.08
C ALA B 63 -1.82 30.92 -19.42
N ALA B 64 -0.52 30.56 -19.49
CA ALA B 64 0.31 30.67 -20.69
C ALA B 64 -0.32 29.85 -21.83
N SER B 65 -0.98 28.73 -21.45
CA SER B 65 -1.76 27.80 -22.27
C SER B 65 -2.54 26.88 -21.32
N ALA B 66 -3.69 26.39 -21.78
CA ALA B 66 -4.54 25.47 -21.04
C ALA B 66 -5.19 24.53 -22.02
N HIS B 67 -5.02 23.22 -21.79
CA HIS B 67 -5.56 22.16 -22.63
C HIS B 67 -6.12 21.04 -21.77
N TYR B 68 -6.93 20.17 -22.38
CA TYR B 68 -7.44 19.00 -21.68
C TYR B 68 -7.39 17.77 -22.56
N ILE B 69 -7.33 16.57 -21.93
CA ILE B 69 -7.41 15.28 -22.60
C ILE B 69 -8.31 14.38 -21.73
N ALA B 70 -9.60 14.24 -22.09
CA ALA B 70 -10.54 13.39 -21.36
C ALA B 70 -10.23 11.89 -21.60
N GLY B 71 -10.39 11.09 -20.54
CA GLY B 71 -10.13 9.66 -20.58
C GLY B 71 -10.16 9.02 -19.20
N THR B 72 -10.23 7.68 -19.15
CA THR B 72 -10.26 6.92 -17.90
C THR B 72 -8.90 6.35 -17.55
N MET B 73 -8.49 6.57 -16.27
CA MET B 73 -7.22 6.06 -15.73
C MET B 73 -7.29 4.58 -15.36
N GLU B 74 -8.39 3.88 -15.73
CA GLU B 74 -8.55 2.44 -15.58
C GLU B 74 -7.78 1.83 -16.76
N ASP B 75 -7.76 2.58 -17.87
CA ASP B 75 -7.10 2.21 -19.09
C ASP B 75 -5.63 2.64 -19.04
N MET B 76 -4.71 1.67 -18.85
CA MET B 76 -3.28 1.97 -18.73
C MET B 76 -2.62 2.52 -20.00
N THR B 77 -3.18 2.19 -21.17
CA THR B 77 -2.67 2.70 -22.45
C THR B 77 -3.04 4.17 -22.61
N PHE B 78 -4.22 4.59 -22.06
CA PHE B 78 -4.66 5.98 -22.06
C PHE B 78 -3.66 6.81 -21.22
N ALA B 79 -3.33 6.31 -20.02
CA ALA B 79 -2.38 6.95 -19.12
C ALA B 79 -1.07 7.23 -19.87
N GLU B 80 -0.53 6.20 -20.57
CA GLU B 80 0.69 6.25 -21.38
C GLU B 80 0.57 7.29 -22.49
N GLN B 81 -0.48 7.16 -23.32
CA GLN B 81 -0.77 8.04 -24.45
C GLN B 81 -0.95 9.48 -24.04
N PHE B 82 -1.62 9.72 -22.89
CA PHE B 82 -1.88 11.05 -22.34
C PHE B 82 -0.58 11.85 -22.08
N VAL B 83 0.38 11.23 -21.40
CA VAL B 83 1.65 11.87 -21.08
C VAL B 83 2.41 12.29 -22.35
N ALA B 84 2.44 11.41 -23.38
CA ALA B 84 3.09 11.72 -24.65
C ALA B 84 2.36 12.92 -25.26
N GLN B 85 1.01 12.82 -25.43
CA GLN B 85 0.16 13.86 -25.98
C GLN B 85 0.32 15.20 -25.24
N ALA B 86 0.30 15.16 -23.89
CA ALA B 86 0.50 16.34 -23.04
C ALA B 86 1.92 16.93 -23.24
N GLY B 87 2.93 16.06 -23.22
CA GLY B 87 4.32 16.43 -23.43
C GLY B 87 4.59 17.04 -24.79
N LYS B 88 3.81 16.61 -25.80
CA LYS B 88 3.90 17.12 -27.16
C LYS B 88 3.28 18.52 -27.24
N LEU B 89 2.19 18.74 -26.48
CA LEU B 89 1.49 20.02 -26.42
C LEU B 89 2.33 21.15 -25.83
N MET B 90 3.03 20.87 -24.72
CA MET B 90 3.84 21.85 -23.99
C MET B 90 5.33 21.87 -24.39
N GLY B 91 5.75 20.89 -25.18
CA GLY B 91 7.14 20.77 -25.62
C GLY B 91 8.06 20.24 -24.55
N GLY B 92 7.46 19.73 -23.49
CA GLY B 92 8.16 19.18 -22.32
C GLY B 92 7.27 19.17 -21.10
N LEU B 93 7.83 18.75 -19.96
CA LEU B 93 7.12 18.66 -18.68
C LEU B 93 8.00 19.07 -17.50
N ASP B 94 7.52 20.03 -16.69
CA ASP B 94 8.26 20.52 -15.52
C ASP B 94 7.73 19.91 -14.22
N MET B 95 6.43 19.64 -14.14
CA MET B 95 5.81 19.07 -12.95
C MET B 95 4.65 18.14 -13.31
N LEU B 96 4.58 16.98 -12.62
CA LEU B 96 3.53 16.00 -12.80
C LEU B 96 2.72 15.89 -11.51
N ILE B 97 1.46 16.36 -11.53
CA ILE B 97 0.56 16.28 -10.37
C ILE B 97 -0.42 15.12 -10.50
N LEU B 98 -0.15 14.02 -9.80
CA LEU B 98 -0.98 12.81 -9.80
C LEU B 98 -1.97 12.97 -8.64
N ASN B 99 -3.25 13.18 -8.99
CA ASN B 99 -4.28 13.55 -8.03
C ASN B 99 -5.61 12.79 -8.10
N HIS B 100 -5.92 12.14 -9.20
CA HIS B 100 -7.21 11.46 -9.39
C HIS B 100 -7.45 10.27 -8.46
N ILE B 101 -8.74 9.93 -8.23
CA ILE B 101 -9.19 8.77 -7.44
C ILE B 101 -10.51 8.24 -8.01
N THR B 102 -10.71 6.89 -7.99
CA THR B 102 -11.97 6.27 -8.37
C THR B 102 -13.02 6.58 -7.29
N ASN B 103 -14.30 6.60 -7.67
CA ASN B 103 -15.40 6.81 -6.73
C ASN B 103 -15.44 5.70 -5.69
N THR B 104 -15.53 6.08 -4.42
CA THR B 104 -15.69 5.12 -3.33
C THR B 104 -16.77 5.71 -2.43
N SER B 105 -17.39 4.85 -1.63
CA SER B 105 -18.37 5.22 -0.62
C SER B 105 -17.83 4.67 0.69
N LEU B 106 -18.15 5.32 1.77
CA LEU B 106 -17.70 4.92 3.09
C LEU B 106 -18.55 3.78 3.65
N ASN B 107 -18.39 2.58 3.12
CA ASN B 107 -19.12 1.39 3.57
C ASN B 107 -18.18 0.34 4.19
N LEU B 108 -18.72 -0.58 5.00
CA LEU B 108 -17.97 -1.71 5.57
C LEU B 108 -17.64 -2.70 4.44
N PHE B 109 -16.46 -3.35 4.52
CA PHE B 109 -15.98 -4.28 3.49
C PHE B 109 -16.57 -5.65 3.70
N HIS B 110 -17.11 -6.22 2.63
CA HIS B 110 -17.70 -7.55 2.70
C HIS B 110 -16.95 -8.52 1.78
N ASP B 111 -17.13 -8.38 0.46
CA ASP B 111 -16.54 -9.27 -0.53
C ASP B 111 -16.34 -8.60 -1.90
N ASP B 112 -16.31 -7.25 -1.94
CA ASP B 112 -16.12 -6.54 -3.21
C ASP B 112 -14.64 -6.49 -3.64
N ILE B 113 -14.20 -7.57 -4.27
CA ILE B 113 -12.85 -7.73 -4.77
C ILE B 113 -12.61 -6.90 -6.02
N HIS B 114 -13.65 -6.70 -6.82
CA HIS B 114 -13.56 -5.88 -8.02
C HIS B 114 -13.32 -4.45 -7.65
N HIS B 115 -13.88 -4.02 -6.51
CA HIS B 115 -13.70 -2.67 -6.03
C HIS B 115 -12.26 -2.44 -5.50
N VAL B 116 -11.70 -3.43 -4.77
CA VAL B 116 -10.33 -3.39 -4.26
C VAL B 116 -9.41 -3.25 -5.49
N ARG B 117 -9.64 -4.09 -6.53
CA ARG B 117 -8.87 -4.08 -7.79
C ARG B 117 -8.95 -2.75 -8.54
N LYS B 118 -10.16 -2.22 -8.76
CA LYS B 118 -10.38 -0.94 -9.43
C LYS B 118 -9.64 0.21 -8.75
N SER B 119 -9.71 0.29 -7.39
CA SER B 119 -9.05 1.33 -6.58
C SER B 119 -7.54 1.21 -6.76
N MET B 120 -7.03 -0.02 -6.66
CA MET B 120 -5.61 -0.32 -6.83
C MET B 120 -5.15 0.09 -8.24
N GLU B 121 -6.01 -0.09 -9.26
CA GLU B 121 -5.71 0.27 -10.64
C GLU B 121 -5.71 1.78 -10.91
N VAL B 122 -6.81 2.48 -10.53
CA VAL B 122 -7.02 3.92 -10.72
C VAL B 122 -6.17 4.76 -9.79
N ASN B 123 -6.23 4.47 -8.47
CA ASN B 123 -5.51 5.25 -7.46
C ASN B 123 -4.01 4.94 -7.36
N PHE B 124 -3.57 3.73 -7.74
CA PHE B 124 -2.17 3.33 -7.61
C PHE B 124 -1.43 3.02 -8.92
N LEU B 125 -1.79 1.94 -9.62
CA LEU B 125 -1.16 1.54 -10.88
C LEU B 125 -1.05 2.62 -11.92
N SER B 126 -2.12 3.39 -12.09
CA SER B 126 -2.16 4.46 -13.08
C SER B 126 -1.14 5.56 -12.79
N TYR B 127 -0.85 5.80 -11.48
CA TYR B 127 0.15 6.77 -10.98
C TYR B 127 1.54 6.30 -11.40
N VAL B 128 1.85 5.00 -11.17
CA VAL B 128 3.10 4.34 -11.57
C VAL B 128 3.28 4.44 -13.10
N VAL B 129 2.23 4.06 -13.88
CA VAL B 129 2.21 4.11 -15.35
C VAL B 129 2.48 5.55 -15.84
N LEU B 130 1.83 6.56 -15.24
CA LEU B 130 2.01 7.97 -15.60
C LEU B 130 3.43 8.43 -15.34
N THR B 131 4.01 8.01 -14.19
CA THR B 131 5.39 8.33 -13.77
C THR B 131 6.43 7.80 -14.78
N VAL B 132 6.33 6.49 -15.15
CA VAL B 132 7.24 5.81 -16.07
C VAL B 132 7.29 6.57 -17.40
N ALA B 133 6.10 6.92 -17.92
CA ALA B 133 5.89 7.65 -19.16
C ALA B 133 6.52 9.06 -19.12
N ALA B 134 6.35 9.77 -17.97
CA ALA B 134 6.80 11.14 -17.75
C ALA B 134 8.27 11.30 -17.39
N LEU B 135 8.85 10.25 -16.82
CA LEU B 135 10.23 10.25 -16.34
C LEU B 135 11.30 10.74 -17.31
N PRO B 136 11.30 10.36 -18.63
CA PRO B 136 12.33 10.90 -19.54
C PRO B 136 12.26 12.43 -19.68
N MET B 137 11.03 13.00 -19.80
CA MET B 137 10.80 14.44 -19.90
C MET B 137 11.17 15.17 -18.60
N LEU B 138 10.78 14.59 -17.45
CA LEU B 138 11.06 15.17 -16.13
C LEU B 138 12.55 15.20 -15.82
N LYS B 139 13.31 14.26 -16.41
CA LYS B 139 14.75 14.15 -16.24
C LYS B 139 15.43 15.32 -16.93
N GLN B 140 14.92 15.74 -18.10
CA GLN B 140 15.46 16.84 -18.92
C GLN B 140 15.37 18.20 -18.21
N SER B 141 14.21 18.47 -17.61
CA SER B 141 13.85 19.70 -16.92
C SER B 141 14.27 19.72 -15.45
N ASN B 142 14.72 18.56 -14.91
CA ASN B 142 15.03 18.32 -13.51
C ASN B 142 13.77 18.59 -12.68
N GLY B 143 12.66 18.05 -13.20
CA GLY B 143 11.29 18.20 -12.73
C GLY B 143 10.92 17.68 -11.36
N SER B 144 9.59 17.60 -11.16
CA SER B 144 8.93 17.23 -9.92
C SER B 144 7.68 16.38 -10.13
N ILE B 145 7.51 15.35 -9.28
CA ILE B 145 6.35 14.48 -9.23
C ILE B 145 5.66 14.78 -7.92
N VAL B 146 4.36 15.10 -7.99
CA VAL B 146 3.53 15.38 -6.82
C VAL B 146 2.46 14.28 -6.72
N VAL B 147 2.47 13.54 -5.61
CA VAL B 147 1.54 12.44 -5.36
C VAL B 147 0.58 12.88 -4.24
N VAL B 148 -0.71 13.03 -4.59
CA VAL B 148 -1.72 13.46 -3.61
C VAL B 148 -2.23 12.25 -2.84
N SER B 149 -1.90 12.20 -1.56
CA SER B 149 -2.33 11.11 -0.70
C SER B 149 -3.22 11.68 0.39
N SER B 150 -3.45 10.90 1.45
CA SER B 150 -4.34 11.24 2.55
C SER B 150 -3.77 10.77 3.87
N LEU B 151 -4.43 11.21 4.96
CA LEU B 151 -4.13 10.78 6.32
C LEU B 151 -4.51 9.29 6.41
N ALA B 152 -5.59 8.88 5.67
CA ALA B 152 -6.08 7.52 5.50
C ALA B 152 -5.03 6.67 4.75
N GLY B 153 -4.02 7.32 4.20
CA GLY B 153 -2.90 6.65 3.54
C GLY B 153 -1.64 6.61 4.40
N LYS B 154 -1.77 6.95 5.71
CA LYS B 154 -0.69 6.97 6.71
C LYS B 154 -1.13 6.28 7.97
N VAL B 155 -2.41 6.32 8.22
CA VAL B 155 -3.10 5.87 9.42
C VAL B 155 -4.35 5.05 9.02
N ALA B 156 -4.88 4.21 9.93
CA ALA B 156 -6.04 3.36 9.62
C ALA B 156 -7.36 3.83 10.15
N TYR B 157 -8.36 3.95 9.25
CA TYR B 157 -9.74 4.33 9.56
C TYR B 157 -10.68 3.25 9.00
N PRO B 158 -11.81 2.95 9.67
CA PRO B 158 -12.77 2.00 9.07
C PRO B 158 -13.50 2.67 7.89
N LEU B 159 -14.20 1.87 7.03
CA LEU B 159 -15.03 2.33 5.90
C LEU B 159 -14.29 2.75 4.62
N VAL B 160 -12.94 2.77 4.65
CA VAL B 160 -12.09 3.13 3.51
C VAL B 160 -10.96 2.12 3.18
N ALA B 161 -11.16 0.82 3.50
CA ALA B 161 -10.18 -0.26 3.28
C ALA B 161 -9.48 -0.27 1.90
N ALA B 162 -10.24 -0.36 0.79
CA ALA B 162 -9.66 -0.37 -0.56
C ALA B 162 -8.87 0.93 -0.86
N TYR B 163 -9.41 2.10 -0.46
CA TYR B 163 -8.86 3.44 -0.62
C TYR B 163 -7.55 3.58 0.18
N SER B 164 -7.57 3.11 1.43
CA SER B 164 -6.42 3.14 2.32
C SER B 164 -5.30 2.30 1.72
N ALA B 165 -5.63 1.06 1.29
CA ALA B 165 -4.68 0.14 0.66
C ALA B 165 -3.99 0.82 -0.50
N SER B 166 -4.75 1.51 -1.38
CA SER B 166 -4.21 2.19 -2.55
C SER B 166 -3.31 3.35 -2.18
N LYS B 167 -3.71 4.17 -1.18
CA LYS B 167 -2.94 5.32 -0.69
C LYS B 167 -1.68 4.85 0.03
N PHE B 168 -1.76 3.79 0.84
CA PHE B 168 -0.60 3.22 1.52
C PHE B 168 0.42 2.73 0.46
N ALA B 169 -0.08 2.00 -0.57
CA ALA B 169 0.72 1.50 -1.71
C ALA B 169 1.51 2.61 -2.39
N LEU B 170 0.90 3.81 -2.60
CA LEU B 170 1.56 4.98 -3.20
C LEU B 170 2.78 5.41 -2.38
N ASP B 171 2.64 5.41 -1.04
CA ASP B 171 3.70 5.75 -0.09
C ASP B 171 4.89 4.79 -0.26
N GLY B 172 4.65 3.49 -0.18
CA GLY B 172 5.69 2.48 -0.34
C GLY B 172 6.43 2.59 -1.66
N PHE B 173 5.69 2.67 -2.75
CA PHE B 173 6.26 2.81 -4.10
C PHE B 173 7.06 4.09 -4.27
N PHE B 174 6.42 5.26 -4.15
CA PHE B 174 7.06 6.56 -4.35
C PHE B 174 8.17 6.90 -3.36
N SER B 175 7.99 6.48 -2.11
CA SER B 175 9.00 6.69 -1.09
C SER B 175 10.27 5.84 -1.38
N SER B 176 10.09 4.59 -1.89
CA SER B 176 11.20 3.71 -2.29
C SER B 176 11.89 4.26 -3.56
N ILE B 177 11.13 4.66 -4.60
CA ILE B 177 11.74 5.23 -5.82
C ILE B 177 12.48 6.54 -5.51
N ARG B 178 12.04 7.30 -4.48
CA ARG B 178 12.71 8.53 -4.04
C ARG B 178 14.13 8.17 -3.53
N LYS B 179 14.25 7.05 -2.78
CA LYS B 179 15.56 6.52 -2.32
C LYS B 179 16.42 6.09 -3.53
N GLU B 180 15.79 5.46 -4.55
CA GLU B 180 16.48 5.02 -5.77
C GLU B 180 16.99 6.23 -6.56
N TYR B 181 16.17 7.29 -6.69
CA TYR B 181 16.59 8.52 -7.41
C TYR B 181 17.72 9.22 -6.67
N SER B 182 17.78 9.07 -5.34
CA SER B 182 18.82 9.64 -4.50
C SER B 182 20.18 8.98 -4.80
N VAL B 183 20.20 7.61 -4.83
CA VAL B 183 21.40 6.84 -5.13
C VAL B 183 21.78 6.91 -6.61
N SER B 184 20.79 6.77 -7.54
CA SER B 184 21.01 6.82 -8.99
C SER B 184 21.38 8.23 -9.46
N ARG B 185 21.19 9.26 -8.58
CA ARG B 185 21.44 10.68 -8.84
C ARG B 185 20.53 11.21 -9.98
N VAL B 186 19.25 10.83 -9.94
CA VAL B 186 18.19 11.25 -10.86
C VAL B 186 17.63 12.54 -10.22
N ASN B 187 17.82 13.71 -10.87
CA ASN B 187 17.32 14.96 -10.29
C ASN B 187 15.85 15.23 -10.58
N VAL B 188 14.99 14.39 -10.00
CA VAL B 188 13.55 14.48 -10.08
C VAL B 188 13.05 14.32 -8.66
N SER B 189 12.36 15.36 -8.15
CA SER B 189 11.81 15.34 -6.79
C SER B 189 10.44 14.64 -6.75
N ILE B 190 10.16 13.98 -5.62
CA ILE B 190 8.90 13.29 -5.33
C ILE B 190 8.29 13.91 -4.06
N THR B 191 7.06 14.43 -4.17
CA THR B 191 6.35 15.06 -3.07
C THR B 191 5.11 14.25 -2.75
N LEU B 192 5.01 13.75 -1.50
CA LEU B 192 3.82 13.03 -1.07
C LEU B 192 3.05 13.96 -0.17
N CYS B 193 1.78 14.18 -0.50
CA CYS B 193 0.86 15.09 0.18
C CYS B 193 -0.06 14.33 1.10
N VAL B 194 0.00 14.61 2.41
CA VAL B 194 -0.82 13.97 3.43
C VAL B 194 -1.85 14.97 3.85
N LEU B 195 -3.09 14.77 3.35
CA LEU B 195 -4.22 15.66 3.62
C LEU B 195 -5.23 15.04 4.54
N GLY B 196 -5.85 15.87 5.39
CA GLY B 196 -6.97 15.46 6.21
C GLY B 196 -8.23 15.75 5.40
N LEU B 197 -9.38 15.81 6.05
CA LEU B 197 -10.61 16.08 5.35
C LEU B 197 -10.53 17.43 4.67
N ILE B 198 -11.08 17.52 3.47
CA ILE B 198 -11.10 18.77 2.73
C ILE B 198 -12.51 19.04 2.27
N ASP B 199 -12.84 20.31 2.12
CA ASP B 199 -14.20 20.68 1.79
C ASP B 199 -14.46 20.61 0.31
N THR B 200 -14.49 19.40 -0.23
CA THR B 200 -14.79 19.19 -1.62
C THR B 200 -16.10 18.46 -1.66
N GLU B 201 -16.83 18.62 -2.74
CA GLU B 201 -18.17 18.12 -2.81
C GLU B 201 -18.15 16.63 -2.65
N THR B 202 -17.16 16.00 -3.25
CA THR B 202 -16.98 14.57 -3.13
C THR B 202 -16.97 14.18 -1.65
N ALA B 203 -16.07 14.76 -0.87
CA ALA B 203 -15.92 14.48 0.56
C ALA B 203 -17.18 14.85 1.36
N MET B 204 -17.81 16.04 1.07
CA MET B 204 -19.00 16.50 1.76
C MET B 204 -20.22 15.67 1.44
N LYS B 205 -20.15 14.86 0.41
CA LYS B 205 -21.23 13.96 0.03
C LYS B 205 -20.96 12.60 0.69
N ALA B 206 -19.71 12.17 0.67
CA ALA B 206 -19.27 10.88 1.16
C ALA B 206 -19.35 10.71 2.66
N VAL B 207 -19.01 11.75 3.43
CA VAL B 207 -18.98 11.71 4.87
C VAL B 207 -19.86 12.78 5.49
N MET B 213 -18.71 17.77 10.77
CA MET B 213 -17.48 17.56 10.00
C MET B 213 -16.86 18.82 9.36
N GLN B 214 -15.95 19.47 10.17
CA GLN B 214 -15.14 20.65 9.84
C GLN B 214 -13.87 20.25 9.01
N ALA B 215 -14.06 20.31 7.66
CA ALA B 215 -13.06 20.01 6.67
C ALA B 215 -12.34 21.31 6.27
N ALA B 216 -11.06 21.21 5.86
CA ALA B 216 -10.20 22.33 5.48
C ALA B 216 -10.52 22.91 4.08
N PRO B 217 -10.25 24.22 3.81
CA PRO B 217 -10.60 24.79 2.50
C PRO B 217 -9.78 24.25 1.34
N LYS B 218 -10.44 23.84 0.25
CA LYS B 218 -9.81 23.29 -0.95
C LYS B 218 -8.86 24.23 -1.68
N GLU B 219 -9.15 25.53 -1.62
CA GLU B 219 -8.38 26.59 -2.27
C GLU B 219 -6.97 26.69 -1.69
N GLU B 220 -6.85 26.66 -0.34
CA GLU B 220 -5.57 26.75 0.34
C GLU B 220 -4.84 25.42 0.20
N CYS B 221 -5.58 24.30 0.33
CA CYS B 221 -5.08 22.93 0.14
C CYS B 221 -4.39 22.83 -1.22
N ALA B 222 -5.04 23.35 -2.27
CA ALA B 222 -4.55 23.35 -3.64
C ALA B 222 -3.22 24.13 -3.76
N LEU B 223 -3.14 25.33 -3.15
CA LEU B 223 -1.95 26.17 -3.17
C LEU B 223 -0.77 25.54 -2.43
N GLU B 224 -1.05 24.87 -1.29
CA GLU B 224 -0.05 24.17 -0.49
C GLU B 224 0.63 23.02 -1.27
N ILE B 225 -0.18 22.13 -1.89
CA ILE B 225 0.31 21.02 -2.73
C ILE B 225 1.31 21.53 -3.78
N ILE B 226 0.94 22.60 -4.53
CA ILE B 226 1.79 23.25 -5.56
C ILE B 226 3.09 23.80 -4.92
N LYS B 227 2.95 24.55 -3.79
CA LYS B 227 4.06 25.14 -3.06
C LYS B 227 5.08 24.07 -2.65
N GLY B 228 4.59 22.98 -2.06
CA GLY B 228 5.40 21.86 -1.61
C GLY B 228 6.18 21.20 -2.73
N GLY B 229 5.49 20.98 -3.85
CA GLY B 229 6.07 20.42 -5.07
C GLY B 229 7.15 21.32 -5.63
N ALA B 230 6.83 22.63 -5.80
CA ALA B 230 7.75 23.67 -6.27
C ALA B 230 9.00 23.76 -5.37
N LEU B 231 8.80 23.70 -4.02
CA LEU B 231 9.92 23.76 -3.08
C LEU B 231 10.65 22.42 -2.89
N ARG B 232 10.25 21.39 -3.67
CA ARG B 232 10.86 20.04 -3.72
C ARG B 232 10.85 19.28 -2.39
N GLN B 233 9.86 19.58 -1.53
CA GLN B 233 9.63 18.92 -0.24
C GLN B 233 9.25 17.45 -0.44
N GLU B 234 9.67 16.57 0.48
CA GLU B 234 9.37 15.13 0.44
C GLU B 234 7.94 14.91 0.80
N GLU B 235 7.48 15.58 1.85
CA GLU B 235 6.09 15.50 2.31
C GLU B 235 5.45 16.85 2.51
N VAL B 236 4.15 16.92 2.29
CA VAL B 236 3.34 18.11 2.47
C VAL B 236 2.20 17.70 3.36
N TYR B 237 1.98 18.47 4.43
CA TYR B 237 0.87 18.19 5.34
C TYR B 237 -0.16 19.27 5.23
N TYR B 238 -1.45 18.90 5.16
CA TYR B 238 -2.52 19.88 5.13
C TYR B 238 -3.72 19.33 5.85
N ASP B 239 -4.03 19.95 6.98
CA ASP B 239 -5.11 19.55 7.86
C ASP B 239 -5.69 20.77 8.56
N SER B 240 -6.97 20.71 8.95
CA SER B 240 -7.65 21.80 9.65
C SER B 240 -7.22 21.92 11.12
N SER B 241 -6.50 20.91 11.65
CA SER B 241 -5.99 20.85 13.03
C SER B 241 -4.49 20.99 13.06
N ARG B 242 -4.00 21.85 13.96
CA ARG B 242 -2.57 22.08 14.23
C ARG B 242 -2.09 20.82 14.96
N TRP B 243 -2.93 20.29 15.88
CA TRP B 243 -2.63 19.12 16.71
C TRP B 243 -2.40 17.91 15.86
N THR B 244 -3.32 17.66 14.89
CA THR B 244 -3.12 16.55 13.93
C THR B 244 -1.85 16.77 13.15
N THR B 245 -1.59 17.99 12.64
CA THR B 245 -0.39 18.32 11.86
C THR B 245 0.92 17.93 12.57
N LEU B 246 0.98 18.19 13.88
CA LEU B 246 2.12 17.85 14.74
C LEU B 246 2.34 16.36 14.82
N LEU B 247 1.25 15.60 14.84
CA LEU B 247 1.26 14.16 14.96
C LEU B 247 1.51 13.42 13.65
N ILE B 248 1.58 14.11 12.50
CA ILE B 248 1.79 13.36 11.27
C ILE B 248 3.24 12.89 11.01
N ARG B 249 4.27 13.68 11.40
CA ARG B 249 5.70 13.31 11.22
C ARG B 249 6.07 11.93 11.86
N ASN B 250 6.89 11.12 11.17
CA ASN B 250 7.35 9.84 11.72
C ASN B 250 8.89 9.81 11.83
N PRO B 251 9.49 10.49 12.83
CA PRO B 251 10.97 10.47 12.96
C PRO B 251 11.62 9.10 13.07
N SER B 252 10.94 8.07 13.65
CA SER B 252 11.52 6.73 13.77
C SER B 252 11.73 6.13 12.38
N ARG B 253 10.77 6.35 11.49
CA ARG B 253 10.79 5.83 10.12
C ARG B 253 12.00 6.42 9.43
N LYS B 254 12.22 7.73 9.60
CA LYS B 254 13.32 8.46 9.00
C LYS B 254 14.64 7.90 9.38
N ILE B 255 14.81 7.58 10.67
CA ILE B 255 16.02 7.00 11.27
C ILE B 255 16.27 5.60 10.71
N LEU B 256 15.21 4.73 10.65
CA LEU B 256 15.29 3.38 10.11
C LEU B 256 15.76 3.45 8.66
N GLU B 257 15.15 4.35 7.86
CA GLU B 257 15.53 4.58 6.47
C GLU B 257 17.03 4.96 6.37
N GLU B 258 17.48 5.87 7.20
CA GLU B 258 18.84 6.35 7.09
C GLU B 258 19.81 5.41 7.74
N LEU B 259 19.29 4.53 8.58
CA LEU B 259 20.16 3.56 9.21
C LEU B 259 20.77 2.70 8.13
N TYR B 260 19.95 2.33 7.15
CA TYR B 260 20.41 1.54 6.01
C TYR B 260 21.43 2.26 5.14
N SER B 261 21.22 3.54 4.94
CA SER B 261 21.74 4.22 3.78
C SER B 261 23.23 4.04 3.75
N THR B 262 23.84 3.93 4.91
CA THR B 262 25.22 3.53 4.96
C THR B 262 25.30 2.14 5.58
N SER B 263 25.85 1.15 4.87
CA SER B 263 26.13 1.15 3.44
C SER B 263 26.79 2.40 2.86
PA NAP C . 10.54 -17.56 0.37
O1A NAP C . 10.88 -17.13 -1.03
O2A NAP C . 11.57 -18.58 0.94
O5B NAP C . 9.07 -18.17 0.43
C5B NAP C . 8.03 -17.71 -0.44
C4B NAP C . 7.02 -18.82 -0.57
O4B NAP C . 5.98 -18.46 -1.51
C3B NAP C . 7.57 -20.17 -1.04
O3B NAP C . 6.94 -21.27 -0.35
C2B NAP C . 7.25 -20.14 -2.52
O2B NAP C . 7.24 -21.48 -3.05
C1B NAP C . 5.89 -19.43 -2.53
N9A NAP C . 5.42 -18.81 -3.76
C8A NAP C . 6.17 -18.16 -4.70
N7A NAP C . 5.47 -17.71 -5.73
C5A NAP C . 4.18 -18.11 -5.44
C6A NAP C . 2.95 -17.96 -6.14
N6A NAP C . 2.83 -17.26 -7.27
N1A NAP C . 1.85 -18.51 -5.59
C2A NAP C . 1.95 -19.15 -4.42
N3A NAP C . 3.03 -19.35 -3.66
C4A NAP C . 4.12 -18.80 -4.23
O3 NAP C . 10.55 -16.26 1.31
PN NAP C . 10.54 -16.02 2.90
O1N NAP C . 11.84 -15.40 3.19
O2N NAP C . 10.10 -17.21 3.66
O5D NAP C . 9.35 -14.96 2.97
C5D NAP C . 8.18 -15.23 3.80
C4D NAP C . 7.42 -13.97 4.12
O4D NAP C . 8.19 -13.13 5.01
C3D NAP C . 7.06 -13.10 2.92
O3D NAP C . 5.76 -12.53 3.05
C2D NAP C . 8.13 -12.01 2.98
O2D NAP C . 7.64 -10.83 2.34
C1D NAP C . 8.27 -11.82 4.51
N1N NAP C . 9.61 -11.23 4.93
C2N NAP C . 10.82 -11.94 4.73
C3N NAP C . 12.04 -11.35 5.04
C7N NAP C . 13.35 -12.06 4.89
O7N NAP C . 14.41 -11.42 4.96
N7N NAP C . 13.31 -13.35 4.58
C4N NAP C . 12.03 -10.06 5.56
C5N NAP C . 10.83 -9.40 5.80
C6N NAP C . 9.62 -9.99 5.47
P2B NAP C . 6.88 -21.98 -4.52
O1X NAP C . 5.64 -21.52 -5.24
O2X NAP C . 8.17 -21.53 -5.25
O3X NAP C . 6.90 -23.47 -4.14
C1 14M D . 17.12 -5.40 9.53
C2 14M D . 18.15 -4.68 8.74
C3 14M D . 17.72 -4.50 7.32
C7 14M D . 18.77 -3.76 6.53
C8 14M D . 15.25 -4.68 5.17
C9 14M D . 14.45 -5.54 3.19
C10 14M D . 13.67 -6.45 3.89
C11 14M D . 13.65 -6.45 5.28
C12 14M D . 14.46 -5.55 5.92
C13 14M D . 12.83 -7.43 3.19
C14 14M D . 12.83 -8.87 1.22
C15 14M D . 13.24 -8.56 -0.22
C16 14M D . 12.55 -9.51 -1.19
C19 14M D . 13.02 -10.32 1.64
C20 14M D . 15.37 -3.90 1.09
C21 14M D . 16.87 -4.14 1.09
C22 14M D . 17.58 -2.91 0.54
S1 14M D . 14.57 -5.49 1.41
O1 14M D . 16.75 -6.56 9.41
O2 14M D . 16.67 -4.57 10.48
O3 14M D . 11.69 -7.69 3.57
N1 14M D . 16.11 -3.75 5.79
N2 14M D . 15.21 -4.65 3.84
N3 14M D . 13.50 -7.99 2.13
C4 14M D . 16.34 -3.91 7.22
C5 14M D . 17.02 -2.96 4.96
C6 14M D . 18.41 -3.56 5.06
C17 14M D . 12.75 -10.96 -0.76
C18 14M D . 12.29 -11.22 0.67
PA NAP E . -12.74 14.56 -6.41
O1A NAP E . -13.67 13.40 -6.40
O2A NAP E . -13.49 15.93 -6.36
O5B NAP E . -11.82 14.55 -7.69
C5B NAP E . -11.15 13.37 -8.19
C4B NAP E . -10.84 13.60 -9.65
O4B NAP E . -10.50 12.34 -10.27
C3B NAP E . -11.98 14.20 -10.48
O3B NAP E . -11.59 15.31 -11.27
C2B NAP E . -12.50 13.01 -11.29
O2B NAP E . -13.00 13.40 -12.59
C1B NAP E . -11.26 12.15 -11.45
N9A NAP E . -11.51 10.71 -11.64
C8A NAP E . -12.40 9.92 -10.97
N7A NAP E . -12.44 8.69 -11.39
C5A NAP E . -11.51 8.66 -12.43
C6A NAP E . -11.13 7.65 -13.34
N6A NAP E . -11.57 6.39 -13.29
N1A NAP E . -10.24 7.98 -14.30
C2A NAP E . -9.76 9.24 -14.35
N3A NAP E . -10.05 10.26 -13.53
C4A NAP E . -10.94 9.91 -12.59
O3 NAP E . -11.79 14.39 -5.13
PN NAP E . -11.03 15.40 -4.15
O1N NAP E . -11.81 15.32 -2.90
O2N NAP E . -10.79 16.71 -4.77
O5D NAP E . -9.67 14.56 -4.03
C5D NAP E . -8.47 14.94 -4.75
C4D NAP E . -7.29 14.21 -4.17
O4D NAP E . -7.09 14.62 -2.80
C3D NAP E . -7.37 12.69 -4.13
O3D NAP E . -6.10 12.09 -4.41
C2D NAP E . -7.82 12.41 -2.70
O2D NAP E . -7.39 11.13 -2.24
C1D NAP E . -7.01 13.51 -1.95
N1N NAP E . -7.60 13.79 -0.58
C2N NAP E . -8.86 14.44 -0.44
C3N NAP E . -9.48 14.47 0.80
C7N NAP E . -10.78 15.19 1.02
O7N NAP E . -11.39 15.06 2.12
N7N NAP E . -11.26 15.91 0.01
C4N NAP E . -8.85 13.87 1.88
C5N NAP E . -7.59 13.31 1.74
C6N NAP E . -6.97 13.28 0.49
P2B NAP E . -14.05 12.56 -13.46
O1X NAP E . -15.20 11.88 -12.77
O2X NAP E . -14.38 13.78 -14.35
O3X NAP E . -13.15 11.60 -14.20
C1 14M F . -8.89 15.44 9.85
C2 14M F . -9.97 14.71 10.57
C3 14M F . -10.42 13.51 9.81
C7 14M F . -11.56 12.84 10.57
C8 14M F . -9.94 11.33 7.43
C9 14M F . -10.80 10.24 5.59
C10 14M F . -10.03 11.04 4.76
C11 14M F . -9.17 11.98 5.29
C12 14M F . -9.12 12.14 6.66
C13 14M F . -10.07 10.87 3.30
C14 14M F . -11.62 10.53 1.41
C15 14M F . -12.64 9.40 1.45
C16 14M F . -13.18 9.05 0.10
C19 14M F . -12.11 11.75 0.64
C20 14M F . -12.21 7.96 6.41
C21 14M F . -13.45 8.41 7.15
C22 14M F . -13.63 7.46 8.33
S1 14M F . -11.93 9.01 4.98
O1 14M F . -9.02 16.13 8.85
O2 14M F . -7.73 15.28 10.55
O3 14M F . -9.03 10.67 2.70
N1 14M F . -9.96 11.41 8.85
N2 14M F . -10.74 10.39 6.91
N3 14M F . -11.33 10.97 2.77
C4 14M F . -9.28 12.51 9.51
C5 14M F . -10.95 10.63 9.55
C6 14M F . -12.09 11.58 9.90
C17 14M F . -13.76 10.31 -0.54
C18 14M F . -12.68 11.38 -0.72
#